data_5KP8
#
_entry.id   5KP8
#
_cell.length_a   100.892
_cell.length_b   100.892
_cell.length_c   104.461
_cell.angle_alpha   90.00
_cell.angle_beta   90.00
_cell.angle_gamma   120.00
#
_symmetry.space_group_name_H-M   'P 31 2 1'
#
loop_
_entity.id
_entity.type
_entity.pdbx_description
1 polymer CurD
2 polymer CurB
3 non-polymer "4'-PHOSPHOPANTETHEINE"
4 non-polymer '~{S}-[2-[3-[[(2~{R})-3,3-dimethyl-2-oxidanyl-4-phosphonooxy-butanoyl]amino]propanoylamino]ethyl] ethanethioate'
5 water water
#
loop_
_entity_poly.entity_id
_entity_poly.type
_entity_poly.pdbx_seq_one_letter_code
_entity_poly.pdbx_strand_id
1 'polypeptide(L)'
;MHHHHHHSSGVDLGTENLYFQSNAMQQVGIEALSVYGGAAQLELRKLAQARQLDISRFDNLMMKEKAVSLPYEDPVSYAV
NAAKPIIDRLSDADKQRIEMVITCSESGIDFGKSMSTYIQEYLGLSRNCRMFELKQASYSGTAGLQMAINLILSQTFPGA
KALVIATDISRFLVAEGGEAINYDWSFAEPSSGAGAVALLVSDTPHIFQIDVGCNGYYGYEVMDTCRPNPDSEAGDADLS
LLSYLDCCENAYRHYQNRVEGVDYRESFDYLSFHTPFGGMVKGAHRNMMRRLKRAKPAEIEADFQRRVMPGLVYCQQVGN
IMGATLFLSLASTIDNGDFSTPRRIGMFSYGSGCCSEFYSGVVTPEGAAIAAQQGISAQLADRYSLSMEEYEQLLYHSSA
VAFGTRNVTLDYQLFPGVWKKIAGKGRLVLKAIKEFHRKYEWV
;
A
2 'polypeptide(L)'
;MHHHHHHSSGVDLGTENLYFQSNAMSKEQVLKIIKKYTREIAPELEDSPLEPTDSLKKLGIDSVNRAEIIMMVMEDLSLN
IPRIELAGAKNIGELADLFAAK
;
B
#
loop_
_chem_comp.id
_chem_comp.type
_chem_comp.name
_chem_comp.formula
6VG non-polymer '~{S}-[2-[3-[[(2~{R})-3,3-dimethyl-2-oxidanyl-4-phosphonooxy-butanoyl]amino]propanoylamino]ethyl] ethanethioate' 'C13 H25 N2 O8 P S'
PNS non-polymer 4'-PHOSPHOPANTETHEINE 'C11 H23 N2 O7 P S'
#
# COMPACT_ATOMS: atom_id res chain seq x y z
N GLN A 26 -20.66 -21.12 5.90
CA GLN A 26 -19.70 -21.28 4.76
C GLN A 26 -18.35 -20.59 5.09
N GLN A 27 -17.28 -21.40 5.06
CA GLN A 27 -15.93 -20.96 5.37
C GLN A 27 -15.19 -20.50 4.11
N VAL A 28 -14.49 -19.38 4.21
CA VAL A 28 -13.75 -18.84 3.07
C VAL A 28 -12.65 -17.90 3.52
N GLY A 29 -11.57 -17.86 2.76
CA GLY A 29 -10.51 -16.93 3.03
C GLY A 29 -9.18 -17.28 2.42
N ILE A 30 -8.13 -16.78 3.05
CA ILE A 30 -6.80 -16.95 2.54
C ILE A 30 -6.23 -18.23 3.10
N GLU A 31 -5.92 -19.15 2.19
CA GLU A 31 -5.33 -20.45 2.50
C GLU A 31 -3.82 -20.34 2.62
N ALA A 32 -3.21 -19.46 1.82
CA ALA A 32 -1.76 -19.28 1.81
C ALA A 32 -1.42 -17.86 1.35
N LEU A 33 -0.34 -17.30 1.89
CA LEU A 33 0.04 -15.92 1.62
C LEU A 33 1.55 -15.93 1.46
N SER A 34 2.04 -15.29 0.41
N SER A 34 2.05 -15.35 0.38
CA SER A 34 3.47 -15.23 0.17
CA SER A 34 3.49 -15.24 0.17
C SER A 34 3.86 -13.90 -0.46
C SER A 34 3.83 -13.86 -0.39
N VAL A 35 5.03 -13.40 -0.07
CA VAL A 35 5.44 -12.05 -0.33
C VAL A 35 6.77 -12.03 -1.11
N TYR A 36 6.92 -11.09 -2.03
CA TYR A 36 8.23 -10.76 -2.58
C TYR A 36 8.45 -9.26 -2.44
N GLY A 37 9.50 -8.90 -1.69
CA GLY A 37 9.80 -7.51 -1.36
C GLY A 37 10.98 -6.93 -2.11
N GLY A 38 11.30 -7.55 -3.25
CA GLY A 38 12.32 -7.04 -4.15
C GLY A 38 13.71 -7.59 -3.85
N ALA A 39 14.66 -7.23 -4.70
CA ALA A 39 16.02 -7.72 -4.55
C ALA A 39 16.92 -6.63 -3.98
N ALA A 40 16.43 -5.40 -4.01
CA ALA A 40 17.21 -4.26 -3.56
C ALA A 40 16.33 -3.23 -2.90
N GLN A 41 16.93 -2.40 -2.06
CA GLN A 41 16.22 -1.36 -1.36
C GLN A 41 17.09 -0.15 -1.15
N LEU A 42 16.47 1.02 -1.00
CA LEU A 42 17.18 2.25 -0.69
C LEU A 42 16.75 2.74 0.69
N GLU A 43 17.73 3.04 1.55
CA GLU A 43 17.48 3.61 2.88
CA GLU A 43 17.44 3.59 2.86
C GLU A 43 17.07 5.06 2.71
N LEU A 44 15.92 5.45 3.27
CA LEU A 44 15.47 6.81 3.04
C LEU A 44 16.36 7.87 3.67
N ARG A 45 17.02 7.55 4.77
CA ARG A 45 18.05 8.46 5.33
C ARG A 45 19.12 8.83 4.30
N LYS A 46 19.45 7.93 3.37
CA LYS A 46 20.41 8.29 2.31
C LYS A 46 19.77 9.23 1.30
N LEU A 47 18.49 9.05 1.00
CA LEU A 47 17.76 9.99 0.14
C LEU A 47 17.71 11.38 0.79
N ALA A 48 17.50 11.43 2.10
CA ALA A 48 17.46 12.70 2.85
C ALA A 48 18.81 13.40 2.84
N GLN A 49 19.87 12.67 3.16
CA GLN A 49 21.24 13.22 3.12
C GLN A 49 21.60 13.75 1.74
N ALA A 50 21.14 13.07 0.70
CA ALA A 50 21.41 13.50 -0.68
C ALA A 50 20.62 14.74 -1.09
N ARG A 51 19.49 15.00 -0.42
CA ARG A 51 18.71 16.23 -0.65
C ARG A 51 18.92 17.27 0.47
N GLN A 52 19.96 17.05 1.26
CA GLN A 52 20.28 17.89 2.42
C GLN A 52 19.05 18.20 3.29
N LEU A 53 18.19 17.19 3.47
CA LEU A 53 17.07 17.24 4.41
C LEU A 53 17.56 16.71 5.73
N ASP A 54 16.81 16.99 6.79
CA ASP A 54 17.12 16.40 8.08
C ASP A 54 16.77 14.90 8.03
N ILE A 55 17.65 14.05 8.53
CA ILE A 55 17.39 12.61 8.57
C ILE A 55 16.07 12.28 9.28
N SER A 56 15.69 13.12 10.24
CA SER A 56 14.45 12.93 10.97
C SER A 56 13.17 13.22 10.17
N ARG A 57 13.26 13.83 8.98
CA ARG A 57 12.07 14.11 8.17
C ARG A 57 11.31 12.81 7.85
N PHE A 58 12.01 11.83 7.30
CA PHE A 58 11.37 10.58 6.95
C PHE A 58 11.12 9.71 8.20
N ASP A 59 12.02 9.78 9.19
CA ASP A 59 11.77 9.14 10.49
C ASP A 59 10.45 9.66 11.08
N ASN A 60 10.23 10.97 11.04
CA ASN A 60 8.97 11.61 11.48
C ASN A 60 7.76 10.99 10.81
N LEU A 61 7.93 10.61 9.55
CA LEU A 61 6.83 10.08 8.75
C LEU A 61 6.79 8.55 8.80
N MET A 62 7.69 7.97 9.59
CA MET A 62 7.77 6.54 9.83
C MET A 62 8.24 5.70 8.64
N MET A 63 9.06 6.31 7.78
CA MET A 63 9.54 5.68 6.58
C MET A 63 10.98 5.25 6.80
N LYS A 64 11.35 4.02 6.42
CA LYS A 64 12.73 3.55 6.64
C LYS A 64 13.44 3.25 5.31
N GLU A 65 12.86 2.32 4.56
CA GLU A 65 13.42 1.87 3.29
C GLU A 65 12.32 1.73 2.25
N LYS A 66 12.70 1.86 0.98
CA LYS A 66 11.81 1.43 -0.09
C LYS A 66 12.50 0.41 -0.99
N ALA A 67 11.73 -0.58 -1.39
CA ALA A 67 12.19 -1.57 -2.32
C ALA A 67 12.28 -0.92 -3.68
N VAL A 68 13.24 -1.35 -4.49
CA VAL A 68 13.45 -0.76 -5.82
C VAL A 68 13.57 -1.87 -6.87
N SER A 69 12.76 -1.81 -7.91
CA SER A 69 12.81 -2.84 -8.99
C SER A 69 14.03 -2.62 -9.91
N LEU A 70 14.78 -3.69 -10.17
CA LEU A 70 15.89 -3.65 -11.12
C LEU A 70 15.35 -3.65 -12.55
N PRO A 71 16.17 -3.26 -13.55
CA PRO A 71 15.65 -3.27 -14.94
C PRO A 71 15.26 -4.65 -15.44
N TYR A 72 15.91 -5.68 -14.91
CA TYR A 72 15.59 -7.07 -15.24
C TYR A 72 14.53 -7.67 -14.32
N GLU A 73 13.68 -6.81 -13.77
CA GLU A 73 12.51 -7.25 -13.06
C GLU A 73 11.34 -6.41 -13.53
N ASP A 74 10.17 -6.97 -13.43
CA ASP A 74 8.95 -6.28 -13.75
C ASP A 74 7.82 -6.85 -12.90
N PRO A 75 6.59 -6.38 -13.10
CA PRO A 75 5.54 -6.88 -12.20
C PRO A 75 5.24 -8.35 -12.34
N VAL A 76 5.45 -8.90 -13.54
CA VAL A 76 5.32 -10.35 -13.74
C VAL A 76 6.36 -11.12 -12.91
N SER A 77 7.63 -10.73 -13.00
CA SER A 77 8.65 -11.43 -12.23
C SER A 77 8.41 -11.27 -10.71
N TYR A 78 8.01 -10.08 -10.29
CA TYR A 78 7.66 -9.86 -8.89
C TYR A 78 6.49 -10.80 -8.49
N ALA A 79 5.47 -10.88 -9.33
CA ALA A 79 4.31 -11.74 -9.05
C ALA A 79 4.67 -13.21 -8.94
N VAL A 80 5.48 -13.69 -9.89
CA VAL A 80 5.88 -15.08 -9.89
C VAL A 80 6.74 -15.41 -8.67
N ASN A 81 7.67 -14.53 -8.33
CA ASN A 81 8.48 -14.71 -7.13
C ASN A 81 7.64 -14.70 -5.85
N ALA A 82 6.58 -13.90 -5.82
CA ALA A 82 5.64 -13.93 -4.69
C ALA A 82 4.82 -15.23 -4.61
N ALA A 83 4.36 -15.73 -5.74
CA ALA A 83 3.48 -16.90 -5.78
C ALA A 83 4.20 -18.25 -5.77
N LYS A 84 5.45 -18.30 -6.22
CA LYS A 84 6.17 -19.57 -6.40
C LYS A 84 6.14 -20.45 -5.13
N PRO A 85 6.38 -19.90 -3.94
CA PRO A 85 6.36 -20.75 -2.73
C PRO A 85 5.01 -21.37 -2.45
N ILE A 86 3.92 -20.69 -2.82
CA ILE A 86 2.59 -21.23 -2.64
C ILE A 86 2.40 -22.45 -3.54
N ILE A 87 2.69 -22.27 -4.83
CA ILE A 87 2.52 -23.32 -5.80
C ILE A 87 3.45 -24.52 -5.51
N ASP A 88 4.69 -24.23 -5.10
CA ASP A 88 5.65 -25.27 -4.76
C ASP A 88 5.13 -26.26 -3.71
N ARG A 89 4.38 -25.76 -2.73
CA ARG A 89 3.86 -26.59 -1.66
C ARG A 89 2.62 -27.39 -2.04
N LEU A 90 1.94 -27.02 -3.11
CA LEU A 90 0.68 -27.70 -3.46
C LEU A 90 0.89 -29.07 -4.08
N SER A 91 -0.03 -29.99 -3.81
CA SER A 91 -0.08 -31.25 -4.55
C SER A 91 -0.47 -30.94 -6.00
N ASP A 92 -0.19 -31.87 -6.91
CA ASP A 92 -0.59 -31.69 -8.31
C ASP A 92 -2.09 -31.49 -8.39
N ALA A 93 -2.85 -32.27 -7.62
CA ALA A 93 -4.31 -32.14 -7.56
C ALA A 93 -4.77 -30.75 -7.12
N ASP A 94 -4.15 -30.22 -6.07
CA ASP A 94 -4.54 -28.91 -5.56
C ASP A 94 -4.12 -27.78 -6.50
N LYS A 95 -2.99 -27.95 -7.17
CA LYS A 95 -2.53 -26.95 -8.11
C LYS A 95 -3.53 -26.84 -9.27
N GLN A 96 -4.00 -27.99 -9.74
CA GLN A 96 -5.01 -28.06 -10.79
C GLN A 96 -6.36 -27.50 -10.36
N ARG A 97 -6.61 -27.40 -9.06
CA ARG A 97 -7.83 -26.76 -8.60
C ARG A 97 -7.84 -25.22 -8.71
N ILE A 98 -6.71 -24.60 -8.99
CA ILE A 98 -6.66 -23.17 -9.20
C ILE A 98 -7.30 -22.90 -10.57
N GLU A 99 -8.49 -22.29 -10.55
CA GLU A 99 -9.24 -22.00 -11.77
C GLU A 99 -9.49 -20.51 -12.03
N MET A 100 -8.86 -19.63 -11.24
CA MET A 100 -8.90 -18.23 -11.52
C MET A 100 -7.60 -17.62 -11.04
N VAL A 101 -6.97 -16.85 -11.93
CA VAL A 101 -5.81 -16.04 -11.59
C VAL A 101 -6.13 -14.59 -11.86
N ILE A 102 -6.15 -13.78 -10.80
CA ILE A 102 -6.39 -12.37 -10.92
C ILE A 102 -5.13 -11.62 -10.52
N THR A 103 -4.61 -10.83 -11.45
CA THR A 103 -3.48 -9.98 -11.18
C THR A 103 -4.02 -8.58 -10.93
N CYS A 104 -3.58 -7.95 -9.85
CA CYS A 104 -4.08 -6.69 -9.36
C CYS A 104 -2.91 -5.73 -9.39
N SER A 105 -2.98 -4.70 -10.22
CA SER A 105 -1.80 -3.90 -10.48
C SER A 105 -2.21 -2.55 -11.04
N GLU A 106 -1.37 -1.55 -10.81
CA GLU A 106 -1.42 -0.31 -11.54
C GLU A 106 -0.11 -0.12 -12.30
N SER A 107 0.60 -1.21 -12.57
CA SER A 107 1.87 -1.19 -13.28
C SER A 107 1.82 -2.15 -14.47
N GLY A 108 0.71 -2.19 -15.19
CA GLY A 108 0.54 -3.13 -16.31
C GLY A 108 1.53 -2.92 -17.44
N ILE A 109 1.65 -3.94 -18.28
CA ILE A 109 2.61 -3.91 -19.36
C ILE A 109 1.97 -3.95 -20.75
N ASP A 110 0.64 -3.90 -20.81
CA ASP A 110 -0.07 -3.93 -22.08
C ASP A 110 -1.45 -3.36 -21.84
N PHE A 111 -2.06 -2.76 -22.85
CA PHE A 111 -3.43 -2.27 -22.71
C PHE A 111 -4.50 -3.36 -22.72
N GLY A 112 -4.18 -4.52 -23.30
CA GLY A 112 -5.13 -5.64 -23.40
C GLY A 112 -4.70 -6.94 -22.75
N LYS A 113 -3.41 -7.29 -22.85
CA LYS A 113 -2.92 -8.58 -22.36
C LYS A 113 -2.74 -8.49 -20.84
N SER A 114 -3.43 -9.33 -20.09
CA SER A 114 -3.21 -9.42 -18.66
C SER A 114 -1.88 -10.09 -18.34
N MET A 115 -1.29 -9.64 -17.25
CA MET A 115 -0.09 -10.31 -16.75
C MET A 115 -0.41 -11.72 -16.27
N SER A 116 -1.69 -12.00 -16.04
CA SER A 116 -2.06 -13.33 -15.56
C SER A 116 -1.66 -14.45 -16.51
N THR A 117 -1.58 -14.18 -17.81
CA THR A 117 -1.18 -15.18 -18.80
C THR A 117 0.28 -15.61 -18.62
N TYR A 118 1.17 -14.65 -18.42
CA TYR A 118 2.56 -14.95 -18.10
C TYR A 118 2.72 -15.67 -16.77
N ILE A 119 1.94 -15.24 -15.80
CA ILE A 119 2.01 -15.81 -14.49
C ILE A 119 1.58 -17.27 -14.53
N GLN A 120 0.48 -17.55 -15.20
CA GLN A 120 0.02 -18.92 -15.41
C GLN A 120 1.10 -19.79 -16.07
N GLU A 121 1.76 -19.24 -17.08
CA GLU A 121 2.78 -19.96 -17.86
C GLU A 121 3.95 -20.35 -16.96
N TYR A 122 4.48 -19.40 -16.20
CA TYR A 122 5.69 -19.67 -15.46
C TYR A 122 5.45 -20.40 -14.14
N LEU A 123 4.23 -20.38 -13.63
CA LEU A 123 3.90 -21.20 -12.46
C LEU A 123 3.39 -22.58 -12.84
N GLY A 124 3.15 -22.80 -14.13
CA GLY A 124 2.70 -24.10 -14.63
C GLY A 124 1.27 -24.44 -14.27
N LEU A 125 0.39 -23.44 -14.28
CA LEU A 125 -1.00 -23.63 -13.86
C LEU A 125 -1.81 -24.27 -14.96
N SER A 126 -2.99 -24.74 -14.61
CA SER A 126 -3.92 -25.35 -15.57
C SER A 126 -4.35 -24.38 -16.67
N ARG A 127 -4.55 -24.90 -17.87
CA ARG A 127 -5.18 -24.14 -18.93
C ARG A 127 -6.68 -23.90 -18.69
N ASN A 128 -7.32 -24.69 -17.85
CA ASN A 128 -8.71 -24.45 -17.50
C ASN A 128 -8.77 -23.48 -16.33
N CYS A 129 -8.58 -22.21 -16.65
CA CYS A 129 -8.35 -21.17 -15.66
C CYS A 129 -8.79 -19.83 -16.26
N ARG A 130 -9.66 -19.10 -15.56
CA ARG A 130 -9.98 -17.72 -15.92
C ARG A 130 -8.83 -16.83 -15.52
N MET A 131 -8.41 -15.96 -16.42
CA MET A 131 -7.25 -15.11 -16.21
C MET A 131 -7.57 -13.67 -16.59
N PHE A 132 -7.30 -12.76 -15.67
CA PHE A 132 -7.49 -11.34 -15.98
C PHE A 132 -6.77 -10.46 -14.97
N GLU A 133 -6.75 -9.17 -15.28
CA GLU A 133 -6.06 -8.19 -14.50
C GLU A 133 -7.08 -7.16 -14.07
N LEU A 134 -6.92 -6.63 -12.87
CA LEU A 134 -7.85 -5.73 -12.27
C LEU A 134 -7.13 -4.45 -11.87
N LYS A 135 -7.80 -3.30 -12.09
CA LYS A 135 -7.20 -1.97 -11.90
C LYS A 135 -8.19 -1.07 -11.09
N GLN A 136 -7.69 -0.46 -10.04
CA GLN A 136 -8.30 0.72 -9.37
C GLN A 136 -7.32 1.22 -8.30
N ALA A 137 -6.20 1.72 -8.80
CA ALA A 137 -5.06 2.07 -8.02
C ALA A 137 -4.82 1.02 -6.92
N SER A 138 -4.60 1.43 -5.68
CA SER A 138 -4.24 0.47 -4.64
C SER A 138 -5.40 -0.30 -4.06
N TYR A 139 -6.61 -0.07 -4.56
CA TYR A 139 -7.78 -0.84 -4.15
C TYR A 139 -7.82 -2.15 -4.93
N SER A 140 -7.02 -2.25 -5.99
CA SER A 140 -7.03 -3.43 -6.85
C SER A 140 -6.91 -4.79 -6.11
N GLY A 141 -5.99 -4.89 -5.14
CA GLY A 141 -5.80 -6.13 -4.43
C GLY A 141 -7.03 -6.59 -3.68
N THR A 142 -7.62 -5.68 -2.93
CA THR A 142 -8.83 -5.98 -2.20
C THR A 142 -9.97 -6.36 -3.14
N ALA A 143 -10.10 -5.65 -4.25
CA ALA A 143 -11.12 -5.98 -5.21
C ALA A 143 -10.91 -7.40 -5.72
N GLY A 144 -9.68 -7.75 -6.04
CA GLY A 144 -9.36 -9.12 -6.47
C GLY A 144 -9.69 -10.15 -5.41
N LEU A 145 -9.33 -9.86 -4.17
CA LEU A 145 -9.64 -10.75 -3.06
C LEU A 145 -11.16 -10.93 -2.91
N GLN A 146 -11.93 -9.87 -3.04
CA GLN A 146 -13.39 -9.97 -2.89
C GLN A 146 -13.99 -10.79 -4.00
N MET A 147 -13.44 -10.65 -5.20
CA MET A 147 -13.93 -11.45 -6.32
C MET A 147 -13.63 -12.91 -6.10
N ALA A 148 -12.43 -13.22 -5.60
CA ALA A 148 -12.06 -14.60 -5.32
C ALA A 148 -12.96 -15.17 -4.21
N ILE A 149 -13.19 -14.40 -3.18
CA ILE A 149 -14.11 -14.79 -2.12
C ILE A 149 -15.48 -15.15 -2.69
N ASN A 150 -15.99 -14.31 -3.58
CA ASN A 150 -17.32 -14.55 -4.15
C ASN A 150 -17.36 -15.77 -5.08
N LEU A 151 -16.25 -16.09 -5.73
CA LEU A 151 -16.18 -17.34 -6.48
C LEU A 151 -16.40 -18.52 -5.52
N ILE A 152 -15.71 -18.50 -4.39
CA ILE A 152 -15.82 -19.60 -3.45
C ILE A 152 -17.27 -19.66 -2.90
N LEU A 153 -17.79 -18.51 -2.49
CA LEU A 153 -19.13 -18.44 -1.91
C LEU A 153 -20.26 -18.75 -2.90
N SER A 154 -20.03 -18.50 -4.19
CA SER A 154 -21.04 -18.79 -5.22
C SER A 154 -21.37 -20.28 -5.27
N GLN A 155 -20.40 -21.11 -4.90
CA GLN A 155 -20.48 -22.56 -5.01
C GLN A 155 -20.73 -23.05 -6.43
N THR A 156 -20.32 -22.26 -7.41
CA THR A 156 -20.47 -22.64 -8.80
C THR A 156 -19.52 -23.80 -9.13
N PHE A 157 -18.37 -23.85 -8.46
CA PHE A 157 -17.37 -24.88 -8.72
C PHE A 157 -16.73 -25.31 -7.41
N PRO A 158 -17.44 -26.14 -6.63
CA PRO A 158 -16.93 -26.66 -5.37
C PRO A 158 -15.50 -27.23 -5.49
N GLY A 159 -14.63 -26.80 -4.61
CA GLY A 159 -13.22 -27.19 -4.63
C GLY A 159 -12.28 -26.26 -5.39
N ALA A 160 -12.81 -25.39 -6.26
CA ALA A 160 -11.94 -24.49 -7.03
C ALA A 160 -11.26 -23.51 -6.09
N LYS A 161 -10.02 -23.20 -6.37
CA LYS A 161 -9.29 -22.17 -5.65
C LYS A 161 -9.02 -21.00 -6.62
N ALA A 162 -8.73 -19.84 -6.05
CA ALA A 162 -8.31 -18.68 -6.83
C ALA A 162 -6.95 -18.20 -6.37
N LEU A 163 -6.13 -17.75 -7.31
CA LEU A 163 -4.86 -17.15 -7.01
C LEU A 163 -4.96 -15.64 -7.32
N VAL A 164 -4.87 -14.82 -6.28
CA VAL A 164 -4.89 -13.37 -6.41
C VAL A 164 -3.48 -12.83 -6.12
N ILE A 165 -2.88 -12.13 -7.08
CA ILE A 165 -1.58 -11.56 -6.85
C ILE A 165 -1.59 -10.08 -7.09
N ALA A 166 -1.32 -9.31 -6.03
CA ALA A 166 -1.18 -7.86 -6.16
C ALA A 166 0.29 -7.60 -6.40
N THR A 167 0.59 -6.87 -7.47
CA THR A 167 1.99 -6.68 -7.89
C THR A 167 2.17 -5.30 -8.47
N ASP A 168 3.20 -4.59 -8.02
CA ASP A 168 3.42 -3.24 -8.48
C ASP A 168 4.88 -2.84 -8.38
N ILE A 169 5.33 -2.02 -9.32
CA ILE A 169 6.64 -1.46 -9.24
C ILE A 169 6.49 0.03 -9.50
N SER A 170 7.51 0.78 -9.18
CA SER A 170 7.52 2.21 -9.43
C SER A 170 8.65 2.51 -10.39
N ARG A 171 8.41 2.31 -11.66
CA ARG A 171 9.45 2.55 -12.66
C ARG A 171 9.40 3.97 -13.22
N PHE A 172 9.89 4.94 -12.45
CA PHE A 172 9.84 6.33 -12.85
C PHE A 172 11.14 6.69 -13.59
N LEU A 173 11.02 7.33 -14.76
CA LEU A 173 12.16 7.60 -15.63
C LEU A 173 12.66 9.06 -15.54
N VAL A 174 13.96 9.25 -15.78
CA VAL A 174 14.64 10.56 -15.60
C VAL A 174 15.16 11.12 -16.92
N TYR A 183 9.89 16.49 -12.06
CA TYR A 183 8.98 15.48 -12.67
C TYR A 183 7.63 15.39 -12.00
N ASP A 184 6.62 14.90 -12.73
CA ASP A 184 5.27 14.76 -12.15
C ASP A 184 5.34 13.86 -10.93
N TRP A 185 6.26 12.89 -10.97
CA TRP A 185 6.31 11.84 -9.95
C TRP A 185 7.21 12.21 -8.77
N SER A 186 7.91 13.33 -8.87
CA SER A 186 8.85 13.72 -7.80
C SER A 186 8.26 13.70 -6.40
N PHE A 187 7.02 14.16 -6.22
CA PHE A 187 6.37 14.15 -4.90
C PHE A 187 6.35 12.75 -4.26
N ALA A 188 6.27 11.72 -5.09
CA ALA A 188 6.13 10.32 -4.66
C ALA A 188 7.43 9.54 -4.55
N GLU A 189 8.56 10.15 -4.94
CA GLU A 189 9.83 9.43 -4.93
C GLU A 189 10.19 8.78 -3.58
N PRO A 190 10.05 9.51 -2.47
CA PRO A 190 10.37 8.88 -1.17
C PRO A 190 9.50 7.68 -0.81
N SER A 191 8.26 7.62 -1.33
CA SER A 191 7.31 6.63 -0.86
C SER A 191 7.04 5.50 -1.84
N SER A 192 7.47 5.64 -3.08
CA SER A 192 7.01 4.74 -4.14
C SER A 192 7.92 3.52 -4.22
N GLY A 193 7.44 2.38 -3.73
CA GLY A 193 8.22 1.15 -3.66
C GLY A 193 7.89 0.14 -4.74
N ALA A 194 8.15 -1.13 -4.43
CA ALA A 194 7.94 -2.23 -5.33
C ALA A 194 7.77 -3.48 -4.48
N GLY A 195 6.82 -4.32 -4.88
CA GLY A 195 6.56 -5.53 -4.15
C GLY A 195 5.36 -6.25 -4.72
N ALA A 196 5.21 -7.51 -4.32
CA ALA A 196 4.05 -8.29 -4.66
C ALA A 196 3.69 -9.20 -3.51
N VAL A 197 2.40 -9.43 -3.35
CA VAL A 197 1.89 -10.37 -2.39
C VAL A 197 0.89 -11.26 -3.10
N ALA A 198 1.09 -12.57 -2.94
CA ALA A 198 0.26 -13.58 -3.55
C ALA A 198 -0.64 -14.24 -2.49
N LEU A 199 -1.92 -14.35 -2.81
CA LEU A 199 -2.93 -14.96 -1.97
C LEU A 199 -3.55 -16.15 -2.68
N LEU A 200 -3.60 -17.28 -1.99
CA LEU A 200 -4.39 -18.41 -2.47
C LEU A 200 -5.69 -18.40 -1.67
N VAL A 201 -6.81 -18.36 -2.38
CA VAL A 201 -8.11 -18.20 -1.76
C VAL A 201 -8.94 -19.46 -1.98
N SER A 202 -9.56 -19.95 -0.92
CA SER A 202 -10.26 -21.23 -0.98
C SER A 202 -11.27 -21.37 0.15
N ASP A 203 -11.95 -22.52 0.18
CA ASP A 203 -12.83 -22.86 1.29
C ASP A 203 -12.11 -23.50 2.51
N THR A 204 -10.78 -23.57 2.49
CA THR A 204 -9.95 -24.00 3.63
C THR A 204 -8.95 -22.89 4.01
N PRO A 205 -9.43 -21.84 4.65
CA PRO A 205 -8.61 -20.64 4.90
C PRO A 205 -7.66 -20.80 6.08
N HIS A 206 -6.54 -21.47 5.87
CA HIS A 206 -5.57 -21.73 6.94
C HIS A 206 -4.98 -20.47 7.54
N ILE A 207 -4.93 -19.38 6.77
CA ILE A 207 -4.27 -18.15 7.26
C ILE A 207 -5.26 -17.10 7.76
N PHE A 208 -6.30 -16.80 6.98
CA PHE A 208 -7.18 -15.68 7.30
C PHE A 208 -8.57 -16.08 6.92
N GLN A 209 -9.43 -16.20 7.93
CA GLN A 209 -10.79 -16.59 7.73
C GLN A 209 -11.61 -15.31 7.64
N ILE A 210 -12.25 -15.11 6.50
CA ILE A 210 -12.99 -13.87 6.23
C ILE A 210 -14.32 -13.83 6.98
N ASP A 211 -14.66 -12.67 7.53
CA ASP A 211 -16.00 -12.41 8.06
C ASP A 211 -16.93 -12.09 6.89
N VAL A 212 -17.71 -13.09 6.48
CA VAL A 212 -18.51 -13.03 5.26
C VAL A 212 -19.62 -11.98 5.37
N GLY A 213 -19.70 -11.09 4.39
CA GLY A 213 -20.73 -10.05 4.40
C GLY A 213 -20.38 -8.84 5.25
N CYS A 214 -19.25 -8.86 5.93
CA CYS A 214 -18.85 -7.76 6.79
C CYS A 214 -17.93 -6.85 5.98
N ASN A 215 -18.56 -5.99 5.19
CA ASN A 215 -17.86 -5.11 4.24
C ASN A 215 -18.55 -3.80 4.17
N GLY A 216 -17.77 -2.73 4.22
CA GLY A 216 -18.25 -1.41 3.86
C GLY A 216 -17.34 -0.82 2.79
N TYR A 217 -17.90 -0.06 1.85
CA TYR A 217 -17.10 0.51 0.79
C TYR A 217 -17.62 1.87 0.41
N TYR A 218 -16.72 2.67 -0.15
CA TYR A 218 -17.01 4.04 -0.42
C TYR A 218 -16.05 4.53 -1.47
N GLY A 219 -16.59 5.20 -2.47
CA GLY A 219 -15.74 5.83 -3.48
C GLY A 219 -16.47 6.88 -4.27
N TYR A 220 -15.67 7.68 -4.97
CA TYR A 220 -16.16 8.80 -5.79
C TYR A 220 -15.00 9.21 -6.67
N GLU A 221 -15.28 9.94 -7.75
CA GLU A 221 -14.23 10.40 -8.64
C GLU A 221 -13.49 11.57 -8.01
N VAL A 222 -12.17 11.45 -7.93
CA VAL A 222 -11.36 12.53 -7.43
C VAL A 222 -9.99 12.44 -8.06
N MET A 223 -9.39 13.59 -8.33
CA MET A 223 -8.09 13.62 -8.97
C MET A 223 -6.98 13.73 -7.94
N ASP A 224 -6.90 12.77 -7.01
CA ASP A 224 -5.92 12.88 -5.94
C ASP A 224 -4.54 12.42 -6.40
N THR A 225 -4.45 11.22 -6.95
CA THR A 225 -3.28 10.84 -7.72
C THR A 225 -3.76 9.97 -8.85
N CYS A 226 -2.94 9.86 -9.87
CA CYS A 226 -3.27 9.06 -11.03
C CYS A 226 -1.95 8.73 -11.76
N ARG A 227 -2.04 7.85 -12.76
CA ARG A 227 -0.89 7.46 -13.57
C ARG A 227 -1.28 7.59 -15.02
N PRO A 228 -1.34 8.83 -15.52
CA PRO A 228 -1.88 9.15 -16.81
C PRO A 228 -0.88 8.98 -17.92
N ASN A 229 0.39 8.81 -17.60
CA ASN A 229 1.40 8.51 -18.58
C ASN A 229 2.12 7.25 -18.11
N PRO A 230 2.64 6.45 -19.05
CA PRO A 230 3.40 5.27 -18.61
C PRO A 230 4.65 5.64 -17.78
N ASP A 231 5.03 4.80 -16.83
CA ASP A 231 6.28 5.00 -16.12
C ASP A 231 6.28 6.36 -15.40
N SER A 232 5.12 6.75 -14.87
CA SER A 232 4.98 8.05 -14.20
C SER A 232 3.83 8.03 -13.21
N GLU A 233 3.70 9.12 -12.49
CA GLU A 233 2.60 9.31 -11.56
C GLU A 233 2.43 10.83 -11.41
N ALA A 234 1.21 11.28 -11.23
CA ALA A 234 0.89 12.69 -11.00
C ALA A 234 -0.08 12.79 -9.85
N GLY A 235 -0.03 13.87 -9.12
CA GLY A 235 -0.93 13.95 -7.99
C GLY A 235 -0.75 15.15 -7.12
N ASP A 236 -1.75 15.34 -6.26
CA ASP A 236 -1.72 16.31 -5.17
C ASP A 236 -1.81 15.46 -3.93
N ALA A 237 -0.68 15.27 -3.27
CA ALA A 237 -0.60 14.44 -2.09
C ALA A 237 -1.47 14.94 -0.96
N ASP A 238 -1.58 16.27 -0.82
CA ASP A 238 -2.41 16.81 0.26
C ASP A 238 -3.89 16.41 0.05
N LEU A 239 -4.39 16.53 -1.18
CA LEU A 239 -5.75 16.09 -1.52
C LEU A 239 -5.89 14.59 -1.26
N SER A 240 -4.87 13.81 -1.61
CA SER A 240 -4.98 12.37 -1.42
C SER A 240 -5.07 11.95 0.03
N LEU A 241 -4.32 12.62 0.90
CA LEU A 241 -4.42 12.33 2.31
C LEU A 241 -5.81 12.69 2.87
N LEU A 242 -6.33 13.85 2.50
CA LEU A 242 -7.70 14.19 2.92
C LEU A 242 -8.73 13.19 2.36
N SER A 243 -8.54 12.72 1.14
CA SER A 243 -9.47 11.77 0.56
C SER A 243 -9.40 10.41 1.29
N TYR A 244 -8.18 9.99 1.59
CA TYR A 244 -7.97 8.75 2.36
C TYR A 244 -8.72 8.82 3.70
N LEU A 245 -8.62 9.96 4.38
CA LEU A 245 -9.29 10.16 5.66
C LEU A 245 -10.81 10.14 5.54
N ASP A 246 -11.34 10.77 4.50
CA ASP A 246 -12.77 10.75 4.27
C ASP A 246 -13.24 9.31 4.02
N CYS A 247 -12.50 8.56 3.22
CA CYS A 247 -12.88 7.18 2.90
C CYS A 247 -12.74 6.26 4.11
N CYS A 248 -11.70 6.46 4.91
CA CYS A 248 -11.51 5.67 6.11
C CYS A 248 -12.75 5.76 6.99
N GLU A 249 -13.22 6.98 7.21
CA GLU A 249 -14.42 7.22 8.01
C GLU A 249 -15.69 6.64 7.34
N ASN A 250 -15.88 6.90 6.05
CA ASN A 250 -17.11 6.48 5.42
C ASN A 250 -17.22 4.99 5.11
N ALA A 251 -16.14 4.36 4.70
CA ALA A 251 -16.12 2.91 4.47
C ALA A 251 -16.38 2.20 5.80
N TYR A 252 -15.76 2.67 6.87
CA TYR A 252 -16.01 2.05 8.17
C TYR A 252 -17.47 2.23 8.61
N ARG A 253 -18.03 3.42 8.42
CA ARG A 253 -19.42 3.68 8.80
C ARG A 253 -20.36 2.75 8.05
N HIS A 254 -20.05 2.47 6.78
CA HIS A 254 -20.86 1.55 6.01
C HIS A 254 -20.80 0.14 6.59
N TYR A 255 -19.60 -0.31 6.96
CA TYR A 255 -19.41 -1.59 7.66
C TYR A 255 -20.20 -1.62 8.98
N GLN A 256 -20.06 -0.57 9.76
CA GLN A 256 -20.76 -0.42 11.03
C GLN A 256 -22.29 -0.46 10.87
N ASN A 257 -22.81 0.14 9.81
CA ASN A 257 -24.23 0.03 9.50
C ASN A 257 -24.67 -1.40 9.16
N ARG A 258 -23.76 -2.23 8.66
CA ARG A 258 -24.10 -3.61 8.30
C ARG A 258 -23.77 -4.63 9.37
N VAL A 259 -22.93 -4.28 10.32
CA VAL A 259 -22.47 -5.22 11.33
C VAL A 259 -22.88 -4.70 12.69
N GLU A 260 -24.08 -5.06 13.13
CA GLU A 260 -24.64 -4.46 14.33
C GLU A 260 -23.77 -4.73 15.57
N GLY A 261 -23.54 -3.68 16.34
CA GLY A 261 -22.82 -3.80 17.61
C GLY A 261 -21.30 -3.75 17.51
N VAL A 262 -20.75 -3.52 16.32
CA VAL A 262 -19.30 -3.47 16.18
C VAL A 262 -18.74 -2.22 16.83
N ASP A 263 -17.58 -2.36 17.46
CA ASP A 263 -16.91 -1.24 18.10
C ASP A 263 -15.49 -1.11 17.58
N TYR A 264 -15.06 0.12 17.29
CA TYR A 264 -13.78 0.33 16.60
C TYR A 264 -12.59 -0.13 17.45
N ARG A 265 -12.67 0.00 18.78
CA ARG A 265 -11.63 -0.52 19.67
C ARG A 265 -11.86 -1.97 20.07
N GLU A 266 -13.08 -2.28 20.52
CA GLU A 266 -13.34 -3.58 21.14
C GLU A 266 -13.46 -4.75 20.17
N SER A 267 -13.92 -4.52 18.94
CA SER A 267 -14.14 -5.63 18.01
C SER A 267 -12.90 -6.07 17.22
N PHE A 268 -11.84 -5.25 17.22
CA PHE A 268 -10.66 -5.53 16.39
C PHE A 268 -9.41 -5.58 17.25
N ASP A 269 -8.79 -6.74 17.27
CA ASP A 269 -7.55 -6.94 18.00
C ASP A 269 -6.39 -6.21 17.35
N TYR A 270 -6.42 -6.16 16.01
CA TYR A 270 -5.43 -5.41 15.21
C TYR A 270 -6.15 -4.71 14.04
N LEU A 271 -5.46 -3.75 13.45
CA LEU A 271 -5.97 -3.01 12.29
C LEU A 271 -4.85 -2.90 11.30
N SER A 272 -5.14 -3.30 10.07
CA SER A 272 -4.21 -3.15 8.97
C SER A 272 -4.81 -2.21 7.93
N PHE A 273 -3.93 -1.44 7.32
CA PHE A 273 -4.30 -0.34 6.42
C PHE A 273 -3.42 -0.37 5.19
N HIS A 274 -3.99 0.09 4.07
CA HIS A 274 -3.19 0.54 2.97
C HIS A 274 -2.25 1.62 3.53
N THR A 275 -0.95 1.43 3.32
CA THR A 275 0.08 2.23 3.97
C THR A 275 0.96 2.93 2.93
N PRO A 276 0.52 4.10 2.45
CA PRO A 276 1.39 4.85 1.56
C PRO A 276 2.67 5.25 2.26
N PHE A 277 2.52 5.58 3.54
CA PHE A 277 3.62 5.74 4.47
C PHE A 277 3.01 5.70 5.88
N GLY A 278 3.80 5.27 6.85
CA GLY A 278 3.31 5.00 8.18
C GLY A 278 2.68 6.19 8.89
N GLY A 279 3.29 7.36 8.72
CA GLY A 279 2.84 8.57 9.40
C GLY A 279 1.37 8.85 9.13
N MET A 280 0.93 8.64 7.89
CA MET A 280 -0.47 8.94 7.58
C MET A 280 -1.44 7.91 8.11
N VAL A 281 -1.00 6.66 8.24
CA VAL A 281 -1.79 5.65 8.92
C VAL A 281 -1.95 6.00 10.41
N LYS A 282 -0.89 6.44 11.05
CA LYS A 282 -1.01 6.92 12.44
C LYS A 282 -2.03 8.06 12.57
N GLY A 283 -1.95 9.00 11.65
CA GLY A 283 -2.90 10.10 11.58
C GLY A 283 -4.33 9.66 11.35
N ALA A 284 -4.54 8.70 10.44
CA ALA A 284 -5.88 8.17 10.22
C ALA A 284 -6.46 7.46 11.44
N HIS A 285 -5.66 6.59 12.04
CA HIS A 285 -6.08 5.88 13.25
C HIS A 285 -6.45 6.87 14.34
N ARG A 286 -5.66 7.92 14.48
CA ARG A 286 -5.91 8.94 15.50
C ARG A 286 -7.24 9.65 15.24
N ASN A 287 -7.47 10.03 13.98
CA ASN A 287 -8.74 10.64 13.59
C ASN A 287 -9.93 9.74 13.89
N MET A 288 -9.81 8.46 13.57
CA MET A 288 -10.88 7.50 13.82
C MET A 288 -11.17 7.32 15.33
N MET A 289 -10.12 7.17 16.12
CA MET A 289 -10.25 6.99 17.56
C MET A 289 -10.89 8.21 18.22
N ARG A 290 -10.43 9.39 17.80
CA ARG A 290 -10.96 10.66 18.30
C ARG A 290 -12.47 10.77 17.98
N ARG A 291 -12.86 10.44 16.74
CA ARG A 291 -14.25 10.58 16.33
C ARG A 291 -15.17 9.52 16.91
N LEU A 292 -14.76 8.26 16.83
CA LEU A 292 -15.62 7.15 17.20
C LEU A 292 -15.60 6.86 18.69
N LYS A 293 -14.49 7.14 19.35
CA LYS A 293 -14.32 6.73 20.73
C LYS A 293 -14.02 7.88 21.67
N ARG A 294 -13.91 9.10 21.14
CA ARG A 294 -13.55 10.29 21.91
C ARG A 294 -12.36 10.02 22.82
N ALA A 295 -11.35 9.32 22.31
CA ALA A 295 -10.23 8.92 23.11
C ALA A 295 -9.24 10.09 23.29
N LYS A 296 -8.53 10.07 24.42
CA LYS A 296 -7.55 11.10 24.73
C LYS A 296 -6.22 10.75 24.06
N PRO A 297 -5.35 11.74 23.87
CA PRO A 297 -4.13 11.53 23.08
C PRO A 297 -3.21 10.38 23.53
N ALA A 298 -2.92 10.25 24.83
CA ALA A 298 -2.01 9.16 25.27
C ALA A 298 -2.64 7.78 25.04
N GLU A 299 -3.94 7.68 25.31
CA GLU A 299 -4.75 6.48 25.06
C GLU A 299 -4.70 6.06 23.58
N ILE A 300 -4.84 7.04 22.71
CA ILE A 300 -4.77 6.80 21.26
C ILE A 300 -3.40 6.28 20.87
N GLU A 301 -2.33 6.86 21.41
CA GLU A 301 -0.99 6.42 21.06
C GLU A 301 -0.64 5.01 21.58
N ALA A 302 -1.12 4.68 22.77
CA ALA A 302 -0.99 3.29 23.24
C ALA A 302 -1.79 2.30 22.35
N ASP A 303 -2.97 2.72 21.92
CA ASP A 303 -3.78 1.88 21.06
C ASP A 303 -3.12 1.69 19.68
N PHE A 304 -2.52 2.77 19.17
CA PHE A 304 -1.75 2.72 17.96
C PHE A 304 -0.61 1.71 18.02
N GLN A 305 0.19 1.80 19.07
CA GLN A 305 1.32 0.89 19.22
C GLN A 305 0.87 -0.57 19.34
N ARG A 306 -0.20 -0.83 20.06
CA ARG A 306 -0.70 -2.19 20.27
C ARG A 306 -1.33 -2.78 19.01
N ARG A 307 -2.16 -1.99 18.35
CA ARG A 307 -3.05 -2.52 17.31
C ARG A 307 -2.61 -2.23 15.86
N VAL A 308 -1.81 -1.18 15.65
CA VAL A 308 -1.47 -0.74 14.30
C VAL A 308 0.01 -0.87 13.94
N MET A 309 0.88 -0.57 14.90
CA MET A 309 2.32 -0.67 14.66
C MET A 309 2.80 -2.04 14.14
N PRO A 310 2.21 -3.15 14.62
CA PRO A 310 2.70 -4.45 14.11
C PRO A 310 2.60 -4.60 12.58
N GLY A 311 1.53 -4.06 12.01
CA GLY A 311 1.31 -4.07 10.54
C GLY A 311 2.27 -3.17 9.77
N LEU A 312 2.78 -2.13 10.43
CA LEU A 312 3.68 -1.19 9.76
C LEU A 312 5.10 -1.70 9.61
N VAL A 313 5.46 -2.73 10.36
CA VAL A 313 6.85 -3.20 10.39
C VAL A 313 7.39 -3.56 8.99
N TYR A 314 6.73 -4.46 8.29
CA TYR A 314 7.21 -4.79 6.95
C TYR A 314 6.97 -3.68 5.94
N CYS A 315 5.87 -2.94 6.09
CA CYS A 315 5.59 -1.83 5.17
C CYS A 315 6.71 -0.82 5.15
N GLN A 316 7.29 -0.52 6.33
CA GLN A 316 8.42 0.41 6.45
C GLN A 316 9.66 -0.02 5.73
N GLN A 317 9.74 -1.30 5.37
CA GLN A 317 10.91 -1.87 4.67
C GLN A 317 10.73 -1.95 3.14
N VAL A 318 9.52 -1.71 2.64
CA VAL A 318 9.28 -1.74 1.20
C VAL A 318 8.76 -0.45 0.62
N GLY A 319 8.14 0.42 1.44
CA GLY A 319 7.51 1.64 0.93
C GLY A 319 6.09 1.34 0.48
N ASN A 320 5.49 2.25 -0.30
CA ASN A 320 4.16 2.02 -0.85
C ASN A 320 4.30 1.01 -1.98
N ILE A 321 3.74 -0.18 -1.80
CA ILE A 321 3.73 -1.18 -2.86
C ILE A 321 2.33 -1.31 -3.45
N MET A 322 1.62 -0.19 -3.42
CA MET A 322 0.31 -0.04 -4.02
C MET A 322 -0.69 -1.09 -3.64
N GLY A 323 -1.26 -1.82 -4.60
CA GLY A 323 -2.31 -2.75 -4.31
C GLY A 323 -1.92 -3.85 -3.36
N ALA A 324 -0.62 -4.15 -3.23
CA ALA A 324 -0.16 -5.20 -2.34
C ALA A 324 0.05 -4.75 -0.87
N THR A 325 -0.02 -3.44 -0.61
CA THR A 325 0.43 -2.94 0.67
C THR A 325 -0.44 -3.42 1.81
N LEU A 326 -1.76 -3.40 1.65
CA LEU A 326 -2.64 -3.87 2.72
C LEU A 326 -2.40 -5.36 3.05
N PHE A 327 -2.12 -6.17 2.02
CA PHE A 327 -1.80 -7.57 2.23
C PHE A 327 -0.46 -7.78 2.94
N LEU A 328 0.55 -6.98 2.60
CA LEU A 328 1.79 -6.98 3.37
C LEU A 328 1.57 -6.52 4.82
N SER A 329 0.73 -5.50 5.02
CA SER A 329 0.37 -5.09 6.37
C SER A 329 -0.28 -6.25 7.13
N LEU A 330 -1.19 -6.98 6.50
CA LEU A 330 -1.78 -8.19 7.12
C LEU A 330 -0.72 -9.22 7.52
N ALA A 331 0.19 -9.55 6.60
CA ALA A 331 1.29 -10.45 6.88
C ALA A 331 2.16 -9.96 8.05
N SER A 332 2.42 -8.66 8.08
CA SER A 332 3.18 -8.02 9.14
C SER A 332 2.47 -8.08 10.49
N THR A 333 1.18 -7.78 10.50
CA THR A 333 0.38 -7.89 11.70
C THR A 333 0.50 -9.32 12.25
N ILE A 334 0.37 -10.30 11.38
CA ILE A 334 0.41 -11.69 11.81
C ILE A 334 1.78 -12.08 12.38
N ASP A 335 2.87 -11.72 11.70
CA ASP A 335 4.19 -12.07 12.21
C ASP A 335 4.59 -11.32 13.47
N ASN A 336 4.12 -10.10 13.62
CA ASN A 336 4.64 -9.22 14.64
C ASN A 336 3.69 -8.99 15.81
N GLY A 337 2.45 -9.40 15.65
CA GLY A 337 1.49 -9.32 16.73
C GLY A 337 1.45 -10.61 17.55
N ASP A 338 0.49 -10.65 18.46
CA ASP A 338 0.30 -11.81 19.34
C ASP A 338 -0.90 -12.64 18.96
N PHE A 339 -0.66 -13.90 18.58
CA PHE A 339 -1.73 -14.80 18.20
C PHE A 339 -1.82 -16.06 19.06
N SER A 340 -1.66 -15.90 20.37
CA SER A 340 -1.79 -17.04 21.29
C SER A 340 -3.27 -17.46 21.47
N THR A 341 -4.20 -16.60 21.07
CA THR A 341 -5.61 -16.95 20.97
C THR A 341 -6.10 -16.35 19.62
N PRO A 342 -7.19 -16.86 19.03
CA PRO A 342 -7.60 -16.30 17.71
C PRO A 342 -7.87 -14.80 17.78
N ARG A 343 -7.57 -14.07 16.70
CA ARG A 343 -7.66 -12.61 16.74
C ARG A 343 -8.42 -12.10 15.54
N ARG A 344 -9.14 -11.02 15.70
CA ARG A 344 -9.87 -10.39 14.59
C ARG A 344 -9.10 -9.17 14.12
N ILE A 345 -8.87 -9.10 12.81
CA ILE A 345 -8.17 -8.00 12.19
C ILE A 345 -9.14 -7.21 11.30
N GLY A 346 -9.17 -5.89 11.50
CA GLY A 346 -9.90 -4.99 10.62
C GLY A 346 -8.96 -4.48 9.53
N MET A 347 -9.48 -4.45 8.31
CA MET A 347 -8.68 -4.17 7.11
C MET A 347 -9.28 -2.96 6.41
N PHE A 348 -8.46 -1.94 6.18
CA PHE A 348 -8.88 -0.78 5.39
C PHE A 348 -8.05 -0.62 4.12
N SER A 349 -8.75 -0.70 2.98
CA SER A 349 -8.15 -0.58 1.68
C SER A 349 -8.55 0.75 1.05
N TYR A 350 -7.60 1.43 0.44
CA TYR A 350 -7.87 2.64 -0.33
C TYR A 350 -7.10 2.57 -1.64
N GLY A 351 -7.67 3.14 -2.68
CA GLY A 351 -6.96 3.43 -3.90
C GLY A 351 -7.35 4.80 -4.41
N SER A 352 -6.37 5.60 -4.77
CA SER A 352 -6.58 6.90 -5.37
C SER A 352 -7.55 6.84 -6.55
N GLY A 353 -8.33 7.89 -6.74
CA GLY A 353 -9.18 7.94 -7.89
C GLY A 353 -10.67 8.10 -7.75
N CYS A 354 -11.35 7.58 -6.72
CA CYS A 354 -10.90 6.70 -5.67
C CYS A 354 -11.95 5.64 -5.31
N CYS A 355 -11.52 4.60 -4.62
CA CYS A 355 -12.42 3.65 -4.00
C CYS A 355 -11.76 3.07 -2.75
N SER A 356 -12.59 2.58 -1.84
CA SER A 356 -12.11 2.08 -0.57
C SER A 356 -13.07 1.03 0.00
N GLU A 357 -12.55 0.23 0.93
CA GLU A 357 -13.31 -0.83 1.56
C GLU A 357 -12.75 -1.14 2.94
N PHE A 358 -13.65 -1.36 3.89
CA PHE A 358 -13.31 -1.88 5.18
C PHE A 358 -13.93 -3.25 5.35
N TYR A 359 -13.12 -4.20 5.81
CA TYR A 359 -13.55 -5.56 5.96
C TYR A 359 -12.74 -6.23 7.05
N SER A 360 -13.05 -7.49 7.36
CA SER A 360 -12.44 -8.11 8.53
C SER A 360 -12.32 -9.63 8.41
N GLY A 361 -11.43 -10.18 9.25
CA GLY A 361 -11.34 -11.61 9.39
C GLY A 361 -10.57 -12.00 10.62
N VAL A 362 -10.34 -13.30 10.73
CA VAL A 362 -9.78 -13.90 11.93
C VAL A 362 -8.57 -14.74 11.57
N VAL A 363 -7.55 -14.63 12.41
CA VAL A 363 -6.36 -15.44 12.34
C VAL A 363 -6.26 -16.25 13.65
N THR A 364 -5.99 -17.54 13.50
CA THR A 364 -5.81 -18.44 14.66
C THR A 364 -4.32 -18.62 14.99
N PRO A 365 -4.01 -19.18 16.19
CA PRO A 365 -2.62 -19.48 16.50
C PRO A 365 -1.95 -20.38 15.46
N GLU A 366 -2.71 -21.32 14.90
CA GLU A 366 -2.20 -22.25 13.90
C GLU A 366 -1.85 -21.50 12.61
N GLY A 367 -2.76 -20.64 12.17
CA GLY A 367 -2.50 -19.80 11.00
C GLY A 367 -1.27 -18.93 11.13
N ALA A 368 -1.12 -18.31 12.30
CA ALA A 368 0.05 -17.51 12.59
C ALA A 368 1.32 -18.34 12.54
N ALA A 369 1.25 -19.59 13.05
CA ALA A 369 2.42 -20.45 13.01
C ALA A 369 2.78 -20.79 11.57
N ILE A 370 1.78 -21.09 10.74
CA ILE A 370 2.03 -21.31 9.32
C ILE A 370 2.68 -20.07 8.67
N ALA A 371 2.10 -18.91 8.92
CA ALA A 371 2.61 -17.69 8.27
C ALA A 371 4.07 -17.44 8.67
N ALA A 372 4.41 -17.74 9.92
CA ALA A 372 5.75 -17.48 10.44
C ALA A 372 6.82 -18.26 9.68
N GLN A 373 6.46 -19.45 9.20
CA GLN A 373 7.37 -20.29 8.44
C GLN A 373 7.82 -19.65 7.14
N GLN A 374 7.10 -18.66 6.64
CA GLN A 374 7.47 -18.03 5.38
C GLN A 374 8.77 -17.23 5.47
N GLY A 375 9.17 -16.82 6.66
CA GLY A 375 10.43 -16.12 6.84
C GLY A 375 10.54 -14.77 6.15
N ILE A 376 9.47 -13.98 6.19
CA ILE A 376 9.47 -12.68 5.51
C ILE A 376 10.58 -11.74 6.01
N SER A 377 10.73 -11.65 7.33
CA SER A 377 11.72 -10.76 7.89
C SER A 377 13.12 -11.08 7.37
N ALA A 378 13.44 -12.37 7.32
CA ALA A 378 14.73 -12.80 6.78
C ALA A 378 14.87 -12.47 5.31
N GLN A 379 13.82 -12.69 4.54
CA GLN A 379 13.84 -12.31 3.13
C GLN A 379 14.17 -10.83 2.98
N LEU A 380 13.47 -10.00 3.74
CA LEU A 380 13.64 -8.56 3.57
C LEU A 380 15.05 -8.14 3.98
N ALA A 381 15.58 -8.73 5.05
CA ALA A 381 16.94 -8.40 5.54
C ALA A 381 18.04 -8.75 4.54
N ASP A 382 17.81 -9.72 3.67
CA ASP A 382 18.87 -10.16 2.74
C ASP A 382 18.91 -9.41 1.41
N ARG A 383 18.13 -8.34 1.25
CA ARG A 383 18.17 -7.57 0.02
C ARG A 383 19.40 -6.69 -0.02
N TYR A 384 19.80 -6.35 -1.24
CA TYR A 384 20.92 -5.45 -1.47
C TYR A 384 20.61 -4.01 -1.07
N SER A 385 21.49 -3.41 -0.27
CA SER A 385 21.26 -2.05 0.19
C SER A 385 21.94 -1.13 -0.81
N LEU A 386 21.17 -0.39 -1.59
CA LEU A 386 21.73 0.51 -2.60
C LEU A 386 22.38 1.75 -1.99
N SER A 387 23.46 2.20 -2.62
CA SER A 387 23.98 3.53 -2.36
C SER A 387 23.18 4.50 -3.20
N MET A 388 23.27 5.79 -2.89
CA MET A 388 22.56 6.81 -3.66
C MET A 388 23.08 6.85 -5.10
N GLU A 389 24.38 6.63 -5.27
CA GLU A 389 24.98 6.55 -6.60
C GLU A 389 24.39 5.40 -7.45
N GLU A 390 24.23 4.23 -6.85
CA GLU A 390 23.65 3.07 -7.56
C GLU A 390 22.18 3.34 -7.89
N TYR A 391 21.46 3.90 -6.91
CA TYR A 391 20.07 4.26 -7.11
C TYR A 391 19.89 5.21 -8.28
N GLU A 392 20.70 6.27 -8.36
CA GLU A 392 20.59 7.21 -9.49
C GLU A 392 20.91 6.55 -10.82
N GLN A 393 21.88 5.65 -10.81
CA GLN A 393 22.19 4.91 -12.03
C GLN A 393 21.02 3.98 -12.43
N LEU A 394 20.43 3.34 -11.45
CA LEU A 394 19.28 2.47 -11.68
C LEU A 394 18.14 3.24 -12.35
N LEU A 395 17.85 4.45 -11.85
CA LEU A 395 16.81 5.31 -12.45
C LEU A 395 17.14 5.53 -13.92
N TYR A 396 18.39 5.84 -14.17
CA TYR A 396 18.86 6.12 -15.51
C TYR A 396 18.70 4.90 -16.42
N HIS A 397 19.10 3.74 -15.93
CA HIS A 397 19.00 2.49 -16.73
C HIS A 397 17.58 1.96 -16.88
N SER A 398 16.65 2.43 -16.07
CA SER A 398 15.26 1.94 -16.10
C SER A 398 14.61 2.21 -17.45
N SER A 399 15.09 3.23 -18.17
CA SER A 399 14.56 3.61 -19.49
C SER A 399 14.60 2.50 -20.52
N ALA A 400 15.56 1.61 -20.38
CA ALA A 400 15.72 0.49 -21.33
C ALA A 400 14.49 -0.41 -21.37
N VAL A 401 13.74 -0.46 -20.26
CA VAL A 401 12.55 -1.30 -20.16
C VAL A 401 11.28 -0.47 -19.95
N ALA A 402 11.25 0.72 -20.55
CA ALA A 402 10.07 1.58 -20.50
C ALA A 402 8.89 0.86 -21.10
N PHE A 403 7.70 1.24 -20.64
CA PHE A 403 6.47 0.80 -21.28
C PHE A 403 6.54 0.96 -22.79
N GLY A 404 6.14 -0.07 -23.51
CA GLY A 404 6.10 0.03 -24.95
C GLY A 404 7.37 -0.43 -25.66
N THR A 405 8.35 -0.90 -24.89
CA THR A 405 9.60 -1.40 -25.45
C THR A 405 9.31 -2.65 -26.27
N ARG A 406 9.79 -2.65 -27.50
CA ARG A 406 9.56 -3.76 -28.41
C ARG A 406 10.65 -4.84 -28.31
N ASN A 407 11.91 -4.39 -28.22
CA ASN A 407 13.07 -5.27 -28.15
C ASN A 407 14.10 -4.76 -27.15
N VAL A 408 14.48 -5.61 -26.21
CA VAL A 408 15.56 -5.29 -25.28
C VAL A 408 16.13 -6.60 -24.75
N THR A 409 17.45 -6.60 -24.53
CA THR A 409 18.13 -7.71 -23.97
C THR A 409 18.80 -7.23 -22.69
N LEU A 410 18.43 -7.80 -21.54
CA LEU A 410 18.92 -7.27 -20.26
C LEU A 410 20.35 -7.72 -19.92
N ASP A 411 21.15 -6.79 -19.41
CA ASP A 411 22.47 -7.10 -18.86
C ASP A 411 22.29 -7.35 -17.39
N TYR A 412 22.37 -8.61 -17.00
CA TYR A 412 22.24 -8.97 -15.59
C TYR A 412 23.40 -8.49 -14.73
N GLN A 413 24.52 -8.16 -15.36
CA GLN A 413 25.70 -7.64 -14.64
C GLN A 413 25.74 -6.10 -14.58
N LEU A 414 24.57 -5.46 -14.73
CA LEU A 414 24.47 -4.02 -14.57
C LEU A 414 25.09 -3.62 -13.22
N PHE A 415 24.64 -4.28 -12.15
CA PHE A 415 25.26 -4.14 -10.83
C PHE A 415 25.71 -5.52 -10.35
N PRO A 416 27.00 -5.83 -10.54
CA PRO A 416 27.47 -7.18 -10.18
C PRO A 416 27.09 -7.60 -8.76
N GLY A 417 27.09 -6.65 -7.83
CA GLY A 417 26.83 -6.94 -6.43
C GLY A 417 25.39 -7.30 -6.15
N VAL A 418 24.48 -6.67 -6.87
CA VAL A 418 23.09 -7.02 -6.76
C VAL A 418 22.92 -8.44 -7.29
N TRP A 419 23.56 -8.76 -8.41
CA TRP A 419 23.37 -10.08 -9.01
C TRP A 419 23.76 -11.20 -8.04
N LYS A 420 24.85 -10.97 -7.31
CA LYS A 420 25.35 -11.94 -6.34
C LYS A 420 24.30 -12.26 -5.29
N LYS A 421 23.44 -11.30 -4.97
CA LYS A 421 22.32 -11.52 -4.03
C LYS A 421 21.10 -12.24 -4.63
N ILE A 422 21.08 -12.43 -5.96
CA ILE A 422 19.96 -13.08 -6.62
C ILE A 422 20.35 -14.45 -7.15
N ALA A 423 21.55 -14.57 -7.69
CA ALA A 423 21.95 -15.78 -8.41
C ALA A 423 21.96 -16.98 -7.47
N GLY A 424 21.40 -18.09 -7.92
CA GLY A 424 21.33 -19.30 -7.11
C GLY A 424 20.14 -19.40 -6.17
N LYS A 425 19.27 -18.39 -6.13
CA LYS A 425 18.11 -18.45 -5.22
C LYS A 425 16.79 -18.92 -5.84
N GLY A 426 16.80 -19.30 -7.12
CA GLY A 426 15.58 -19.71 -7.79
C GLY A 426 14.60 -18.55 -7.99
N ARG A 427 15.12 -17.42 -8.42
CA ARG A 427 14.33 -16.21 -8.66
CA ARG A 427 14.29 -16.23 -8.65
C ARG A 427 14.03 -16.09 -10.13
N LEU A 428 12.83 -15.62 -10.46
CA LEU A 428 12.51 -15.29 -11.82
C LEU A 428 12.95 -13.86 -12.10
N VAL A 429 13.56 -13.69 -13.27
CA VAL A 429 13.91 -12.36 -13.77
C VAL A 429 13.48 -12.20 -15.22
N LEU A 430 13.38 -10.95 -15.64
CA LEU A 430 13.13 -10.59 -17.03
C LEU A 430 14.42 -10.64 -17.81
N LYS A 431 14.48 -11.56 -18.77
CA LYS A 431 15.64 -11.76 -19.60
C LYS A 431 15.68 -10.87 -20.82
N ALA A 432 14.53 -10.71 -21.47
CA ALA A 432 14.45 -10.01 -22.73
C ALA A 432 13.01 -9.69 -23.07
N ILE A 433 12.85 -8.73 -23.95
CA ILE A 433 11.60 -8.54 -24.66
C ILE A 433 11.95 -8.73 -26.13
N LYS A 434 11.22 -9.56 -26.82
CA LYS A 434 11.44 -9.77 -28.25
C LYS A 434 10.13 -9.60 -28.97
N GLU A 435 10.06 -8.62 -29.86
CA GLU A 435 8.80 -8.27 -30.56
C GLU A 435 7.62 -8.18 -29.58
N PHE A 436 7.84 -7.42 -28.51
CA PHE A 436 6.87 -7.25 -27.39
C PHE A 436 6.66 -8.49 -26.50
N HIS A 437 7.21 -9.65 -26.86
CA HIS A 437 7.03 -10.85 -26.05
C HIS A 437 8.04 -10.84 -24.93
N ARG A 438 7.58 -10.88 -23.68
CA ARG A 438 8.51 -10.85 -22.57
C ARG A 438 8.96 -12.27 -22.27
N LYS A 439 10.25 -12.44 -22.05
CA LYS A 439 10.83 -13.75 -21.75
C LYS A 439 11.50 -13.67 -20.39
N TYR A 440 11.26 -14.68 -19.57
CA TYR A 440 11.74 -14.69 -18.21
C TYR A 440 12.66 -15.90 -18.02
N GLU A 441 13.50 -15.84 -17.01
CA GLU A 441 14.48 -16.89 -16.75
C GLU A 441 14.53 -17.10 -15.25
N TRP A 442 14.67 -18.36 -14.84
CA TRP A 442 14.94 -18.71 -13.45
C TRP A 442 16.43 -18.64 -13.21
N VAL A 443 16.86 -17.87 -12.23
CA VAL A 443 18.30 -17.69 -12.00
C VAL A 443 18.71 -18.05 -10.57
N MET B 25 -18.96 33.82 10.38
CA MET B 25 -17.55 34.13 10.78
C MET B 25 -16.73 34.61 9.59
N SER B 26 -15.81 35.53 9.85
CA SER B 26 -15.05 36.21 8.79
C SER B 26 -13.80 35.45 8.34
N LYS B 27 -13.27 35.85 7.17
CA LYS B 27 -12.00 35.37 6.64
C LYS B 27 -10.86 35.65 7.61
N GLU B 28 -10.91 36.81 8.27
CA GLU B 28 -9.83 37.21 9.17
C GLU B 28 -9.92 36.46 10.50
N GLN B 29 -11.15 36.23 10.97
CA GLN B 29 -11.37 35.45 12.18
C GLN B 29 -10.87 34.01 11.95
N VAL B 30 -11.20 33.45 10.79
CA VAL B 30 -10.84 32.06 10.51
C VAL B 30 -9.32 31.95 10.47
N LEU B 31 -8.70 32.89 9.76
CA LEU B 31 -7.25 32.97 9.65
C LEU B 31 -6.55 32.97 11.01
N LYS B 32 -7.16 33.63 11.99
CA LYS B 32 -6.60 33.61 13.34
C LYS B 32 -6.70 32.22 13.96
N ILE B 33 -7.76 31.48 13.65
CA ILE B 33 -7.89 30.11 14.16
C ILE B 33 -6.85 29.18 13.50
N ILE B 34 -6.61 29.39 12.21
CA ILE B 34 -5.58 28.61 11.48
C ILE B 34 -4.20 28.90 12.07
N LYS B 35 -3.94 30.17 12.40
CA LYS B 35 -2.67 30.55 13.02
C LYS B 35 -2.46 29.87 14.36
N LYS B 36 -3.53 29.74 15.14
CA LYS B 36 -3.45 29.12 16.46
C LYS B 36 -3.08 27.66 16.37
N TYR B 37 -3.75 26.91 15.50
CA TYR B 37 -3.50 25.48 15.44
C TYR B 37 -2.17 25.18 14.76
N THR B 38 -1.74 26.05 13.85
CA THR B 38 -0.41 25.96 13.25
C THR B 38 0.69 26.10 14.30
N ARG B 39 0.56 27.11 15.15
CA ARG B 39 1.50 27.33 16.25
C ARG B 39 1.45 26.17 17.26
N GLU B 40 0.27 25.61 17.47
CA GLU B 40 0.13 24.48 18.36
C GLU B 40 0.79 23.22 17.80
N ILE B 41 0.62 23.00 16.50
CA ILE B 41 1.26 21.88 15.82
C ILE B 41 2.76 22.10 15.69
N ALA B 42 3.18 23.35 15.45
CA ALA B 42 4.60 23.67 15.29
C ALA B 42 5.01 24.77 16.28
N PRO B 43 5.35 24.39 17.53
CA PRO B 43 5.75 25.34 18.58
C PRO B 43 6.94 26.27 18.30
N GLU B 44 7.83 25.92 17.38
CA GLU B 44 8.92 26.84 17.01
C GLU B 44 8.43 28.12 16.32
N LEU B 45 7.16 28.16 15.93
CA LEU B 45 6.55 29.36 15.32
C LEU B 45 5.71 30.18 16.30
N GLU B 46 5.74 29.85 17.59
CA GLU B 46 4.98 30.56 18.63
C GLU B 46 5.02 32.07 18.48
N ASP B 47 6.23 32.60 18.26
CA ASP B 47 6.45 34.04 18.27
C ASP B 47 6.60 34.68 16.90
N SER B 48 6.95 33.87 15.89
CA SER B 48 7.17 34.40 14.54
C SER B 48 5.87 34.93 13.91
N PRO B 49 5.99 35.97 13.07
CA PRO B 49 4.83 36.53 12.38
C PRO B 49 4.34 35.60 11.27
N LEU B 50 3.04 35.50 11.07
CA LEU B 50 2.49 34.65 10.02
C LEU B 50 1.63 35.45 9.03
N GLU B 51 2.15 35.58 7.80
CA GLU B 51 1.46 36.33 6.74
C GLU B 51 0.42 35.44 6.05
N PRO B 52 -0.65 36.05 5.50
CA PRO B 52 -1.63 35.26 4.73
C PRO B 52 -1.04 34.59 3.49
N THR B 53 0.10 35.10 3.01
CA THR B 53 0.80 34.51 1.88
C THR B 53 1.80 33.41 2.27
N ASP B 54 1.94 33.12 3.56
CA ASP B 54 2.79 32.00 3.99
C ASP B 54 2.12 30.66 3.70
N SER B 55 2.90 29.69 3.23
CA SER B 55 2.39 28.35 3.00
C SER B 55 2.87 27.40 4.10
N LEU B 56 2.00 26.50 4.53
CA LEU B 56 2.33 25.54 5.57
C LEU B 56 3.52 24.68 5.16
N LYS B 57 3.59 24.34 3.88
CA LYS B 57 4.70 23.56 3.33
C LYS B 57 6.04 24.30 3.51
N LYS B 58 6.07 25.56 3.14
CA LYS B 58 7.32 26.32 3.26
C LYS B 58 7.67 26.66 4.72
N LEU B 59 6.72 26.52 5.63
CA LEU B 59 6.94 26.86 7.05
C LEU B 59 7.76 25.97 8.03
N GLY B 60 8.08 24.70 7.80
CA GLY B 60 7.52 23.79 6.83
C GLY B 60 6.92 22.62 7.60
N ILE B 61 5.60 22.60 7.62
CA ILE B 61 4.80 21.63 8.34
C ILE B 61 4.72 20.42 7.40
N ASP B 62 4.85 19.22 7.95
CA ASP B 62 4.88 18.00 7.15
C ASP B 62 3.48 17.58 6.69
N SER B 63 3.41 16.59 5.80
CA SER B 63 2.18 16.28 5.13
C SER B 63 1.09 15.89 6.11
N VAL B 64 1.41 15.10 7.13
CA VAL B 64 0.42 14.66 8.07
C VAL B 64 -0.09 15.84 8.91
N ASN B 65 0.81 16.69 9.37
CA ASN B 65 0.46 17.85 10.18
C ASN B 65 -0.32 18.92 9.41
N ARG B 66 -0.09 19.06 8.11
CA ARG B 66 -0.90 19.97 7.29
C ARG B 66 -2.35 19.50 7.29
N ALA B 67 -2.59 18.20 7.13
CA ALA B 67 -3.94 17.65 7.26
C ALA B 67 -4.50 17.83 8.68
N GLU B 68 -3.67 17.63 9.71
CA GLU B 68 -4.11 17.80 11.11
C GLU B 68 -4.64 19.21 11.38
N ILE B 69 -3.95 20.21 10.85
CA ILE B 69 -4.34 21.61 11.03
C ILE B 69 -5.73 21.81 10.43
N ILE B 70 -5.92 21.33 9.20
CA ILE B 70 -7.20 21.45 8.52
C ILE B 70 -8.30 20.83 9.37
N MET B 71 -8.03 19.65 9.92
CA MET B 71 -9.03 18.93 10.71
C MET B 71 -9.33 19.59 12.06
N MET B 72 -8.31 20.15 12.70
CA MET B 72 -8.53 20.94 13.92
C MET B 72 -9.39 22.18 13.69
N VAL B 73 -9.12 22.87 12.59
CA VAL B 73 -9.90 24.04 12.22
C VAL B 73 -11.36 23.65 11.94
N MET B 74 -11.54 22.56 11.20
CA MET B 74 -12.87 22.03 10.91
C MET B 74 -13.64 21.76 12.18
N GLU B 75 -13.00 21.07 13.13
CA GLU B 75 -13.66 20.70 14.37
C GLU B 75 -13.98 21.94 15.24
N ASP B 76 -13.06 22.90 15.28
CA ASP B 76 -13.24 24.16 16.01
C ASP B 76 -14.47 24.91 15.48
N LEU B 77 -14.63 24.92 14.15
CA LEU B 77 -15.74 25.57 13.52
C LEU B 77 -16.99 24.67 13.39
N SER B 78 -16.97 23.49 14.02
CA SER B 78 -18.04 22.49 13.85
C SER B 78 -18.47 22.29 12.39
N LEU B 79 -17.50 22.15 11.50
CA LEU B 79 -17.78 22.03 10.08
C LEU B 79 -17.72 20.56 9.71
N ASN B 80 -18.88 19.96 9.50
CA ASN B 80 -18.98 18.52 9.27
C ASN B 80 -19.19 18.24 7.80
N ILE B 81 -18.15 18.46 7.00
CA ILE B 81 -18.23 18.29 5.54
C ILE B 81 -17.03 17.46 5.11
N PRO B 82 -17.02 16.98 3.86
CA PRO B 82 -15.84 16.21 3.43
C PRO B 82 -14.55 17.02 3.56
N ARG B 83 -13.52 16.39 4.12
CA ARG B 83 -12.21 17.01 4.28
C ARG B 83 -11.63 17.50 2.94
N ILE B 84 -11.92 16.79 1.86
CA ILE B 84 -11.38 17.20 0.57
C ILE B 84 -11.85 18.58 0.11
N GLU B 85 -12.95 19.08 0.66
CA GLU B 85 -13.43 20.40 0.29
C GLU B 85 -12.52 21.52 0.80
N LEU B 86 -11.58 21.21 1.68
CA LEU B 86 -10.58 22.16 2.16
C LEU B 86 -9.21 22.03 1.50
N ALA B 87 -9.11 21.17 0.47
CA ALA B 87 -7.88 20.98 -0.27
C ALA B 87 -7.66 22.09 -1.29
N GLY B 88 -6.41 22.25 -1.72
CA GLY B 88 -6.10 23.04 -2.90
C GLY B 88 -5.66 24.47 -2.64
N ALA B 89 -5.68 24.91 -1.39
CA ALA B 89 -5.20 26.24 -1.05
C ALA B 89 -3.67 26.28 -1.10
N LYS B 90 -3.12 27.36 -1.64
CA LYS B 90 -1.67 27.53 -1.79
C LYS B 90 -1.03 28.22 -0.59
N ASN B 91 -1.81 28.93 0.21
CA ASN B 91 -1.29 29.58 1.40
C ASN B 91 -2.39 29.65 2.44
N ILE B 92 -2.07 30.12 3.63
CA ILE B 92 -3.06 30.09 4.70
C ILE B 92 -4.18 31.11 4.51
N GLY B 93 -3.92 32.18 3.76
CA GLY B 93 -4.96 33.14 3.38
C GLY B 93 -6.02 32.50 2.49
N GLU B 94 -5.57 31.76 1.48
CA GLU B 94 -6.49 31.01 0.62
C GLU B 94 -7.24 29.94 1.41
N LEU B 95 -6.60 29.35 2.41
CA LEU B 95 -7.25 28.35 3.26
C LEU B 95 -8.34 29.00 4.09
N ALA B 96 -8.05 30.18 4.62
CA ALA B 96 -9.04 30.97 5.35
C ALA B 96 -10.26 31.26 4.47
N ASP B 97 -10.01 31.62 3.21
CA ASP B 97 -11.07 31.87 2.22
C ASP B 97 -11.92 30.65 2.00
N LEU B 98 -11.26 29.50 1.91
CA LEU B 98 -11.94 28.25 1.63
C LEU B 98 -12.91 27.94 2.77
N PHE B 99 -12.42 28.04 4.01
CA PHE B 99 -13.25 27.82 5.19
C PHE B 99 -14.38 28.86 5.23
N ALA B 100 -14.01 30.14 5.11
CA ALA B 100 -14.98 31.24 5.15
C ALA B 100 -16.17 30.97 4.24
N ALA B 101 -15.92 30.43 3.06
CA ALA B 101 -16.99 30.14 2.09
C ALA B 101 -17.94 29.00 2.48
N LYS B 102 -17.69 28.29 3.59
CA LYS B 102 -18.53 27.15 4.00
C LYS B 102 -19.24 27.30 5.36
O23 PNS C . 5.31 15.21 4.25
P24 PNS C . 4.86 15.59 2.84
O26 PNS C . 5.30 16.79 2.06
O27 PNS C . 4.95 14.32 1.82
C28 PNS C . 4.89 12.99 2.33
C29 PNS C . 5.81 12.11 1.50
C30 PNS C . 7.25 12.51 1.73
C31 PNS C . 5.62 10.67 1.94
C32 PNS C . 5.56 12.28 -0.01
O33 PNS C . 6.53 11.53 -0.76
C34 PNS C . 4.19 11.88 -0.48
O35 PNS C . 3.24 12.63 -0.31
N36 PNS C . 4.08 10.68 -1.09
C37 PNS C . 2.83 10.18 -1.66
C38 PNS C . 2.06 9.24 -0.74
C39 PNS C . 0.92 8.65 -1.55
O40 PNS C . 1.16 7.78 -2.40
N41 PNS C . -0.32 9.12 -1.33
C42 PNS C . -1.42 8.65 -2.17
C43 PNS C . -2.35 7.61 -1.54
S44 PNS C . -3.19 8.18 -0.04
P24 6VG D . 4.91 15.56 3.03
O26 6VG D . 5.48 15.69 4.42
O23 6VG D . 4.99 16.66 1.99
O27 6VG D . 5.56 14.24 2.37
C28 6VG D . 4.79 13.44 1.47
C29 6VG D . 5.60 12.20 1.08
C30 6VG D . 7.08 12.57 1.06
C31 6VG D . 5.34 11.07 2.06
C32 6VG D . 5.17 11.75 -0.31
O33 6VG D . 6.09 10.75 -0.76
C34 6VG D . 3.75 11.24 -0.30
O35 6VG D . 2.88 11.91 0.24
N36 6VG D . 3.48 10.06 -0.87
C37 6VG D . 2.14 9.48 -0.85
C38 6VG D . 1.35 9.60 -2.16
C39 6VG D . 0.63 8.29 -2.44
O40 6VG D . 1.16 7.46 -3.17
N41 6VG D . -0.53 8.07 -1.82
C42 6VG D . -1.16 6.75 -1.74
C43 6VG D . -1.84 6.20 -2.98
S1 6VG D . -1.48 4.48 -3.27
C1 6VG D . -2.41 4.55 -4.62
O1 6VG D . -3.57 4.37 -4.45
C2 6VG D . -1.81 4.78 -5.96
#